data_4PI8
#
_entry.id   4PI8
#
_cell.length_a   46.011
_cell.length_b   69.720
_cell.length_c   73.540
_cell.angle_alpha   90.000
_cell.angle_beta   90.000
_cell.angle_gamma   90.000
#
_symmetry.space_group_name_H-M   'P 21 21 21'
#
loop_
_entity.id
_entity.type
_entity.pdbx_description
1 polymer 'Autolysin E'
2 branched '2-acetamido-2-deoxy-beta-D-glucopyranose-(1-4)-N-acetyl-beta-muramic acid'
3 non-polymer 'CHLORIDE ION'
4 non-polymer 'SULFATE ION'
5 water water
#
_entity_poly.entity_id   1
_entity_poly.type   'polypeptide(L)'
_entity_poly.pdbx_seq_one_letter_code
;SAAANDVNYSFDEAVSMQQGKGIVQTKEEDGKFVEANNNEIAKAMTISHKDNDMKYMDITEKVPMSESEVNQLLKGKGIL
ENRGKVFLEAQEKYEVNVIYLVSHALVATGNGKSELAKGIKDGKKRYYNFFGIGAFDSSAVRSGKSYAEKEQWTSPDKAI
IGGAKFIRNEYFENNQLNLYQMRWNPENPAQHQYASDIRWADKIAKLMDKSYKQFGIKKDDIRQTYYK
;
_entity_poly.pdbx_strand_id   A
#
loop_
_chem_comp.id
_chem_comp.type
_chem_comp.name
_chem_comp.formula
AMU D-saccharide, beta linking 'N-acetyl-beta-muramic acid' 'C11 H19 N O8'
CL non-polymer 'CHLORIDE ION' 'Cl -1'
NAG D-saccharide, beta linking 2-acetamido-2-deoxy-beta-D-glucopyranose 'C8 H15 N O6'
SO4 non-polymer 'SULFATE ION' 'O4 S -2'
#
# COMPACT_ATOMS: atom_id res chain seq x y z
N ALA A 4 -14.89 -5.17 20.31
CA ALA A 4 -13.70 -4.69 19.52
C ALA A 4 -12.43 -5.50 19.83
N ASN A 5 -12.60 -6.80 20.15
CA ASN A 5 -11.46 -7.67 20.44
C ASN A 5 -11.01 -8.49 19.22
N ASP A 6 -10.02 -7.89 18.56
CA ASP A 6 -9.41 -8.42 17.34
C ASP A 6 -8.07 -9.11 17.59
N VAL A 7 -7.73 -9.36 18.86
CA VAL A 7 -6.53 -10.10 19.19
C VAL A 7 -6.92 -11.57 19.30
N ASN A 8 -6.59 -12.33 18.29
CA ASN A 8 -7.05 -13.71 18.11
C ASN A 8 -6.03 -14.79 18.20
N TYR A 9 -4.75 -14.55 17.93
CA TYR A 9 -3.72 -15.55 17.78
C TYR A 9 -2.49 -15.17 18.59
N SER A 10 -1.77 -16.16 19.11
CA SER A 10 -0.44 -15.96 19.61
C SER A 10 0.49 -15.67 18.44
N PHE A 11 1.62 -15.03 18.71
CA PHE A 11 2.61 -14.80 17.65
C PHE A 11 3.05 -16.07 17.00
N ASP A 12 3.34 -17.11 17.82
CA ASP A 12 3.82 -18.35 17.25
C ASP A 12 2.81 -19.03 16.32
N GLU A 13 1.52 -18.92 16.69
CA GLU A 13 0.44 -19.46 15.86
C GLU A 13 0.40 -18.70 14.52
N ALA A 14 0.50 -17.37 14.61
CA ALA A 14 0.50 -16.55 13.40
C ALA A 14 1.67 -16.83 12.47
N VAL A 15 2.87 -17.02 13.05
CA VAL A 15 4.03 -17.34 12.27
C VAL A 15 3.83 -18.64 11.49
N SER A 16 3.29 -19.66 12.17
CA SER A 16 3.07 -20.95 11.51
CA SER A 16 3.10 -20.94 11.50
C SER A 16 2.13 -20.80 10.31
N MET A 17 1.10 -19.99 10.50
CA MET A 17 0.14 -19.71 9.42
C MET A 17 0.81 -19.00 8.23
N GLN A 18 1.65 -17.97 8.54
CA GLN A 18 2.35 -17.21 7.48
C GLN A 18 3.32 -18.10 6.69
N GLN A 19 3.81 -19.14 7.38
CA GLN A 19 4.73 -20.11 6.78
C GLN A 19 4.00 -21.29 6.14
N GLY A 20 2.67 -21.23 6.08
CA GLY A 20 1.89 -22.34 5.55
C GLY A 20 2.05 -22.64 4.08
N LYS A 21 1.51 -23.77 3.67
CA LYS A 21 1.75 -24.27 2.32
C LYS A 21 1.28 -23.36 1.22
N GLY A 22 2.20 -23.08 0.29
CA GLY A 22 1.88 -22.29 -0.89
C GLY A 22 1.75 -20.78 -0.74
N ILE A 23 1.88 -20.28 0.48
CA ILE A 23 1.66 -18.82 0.73
C ILE A 23 2.90 -18.10 0.19
N VAL A 24 2.68 -17.12 -0.66
CA VAL A 24 3.80 -16.41 -1.32
C VAL A 24 4.32 -15.31 -0.40
N GLN A 25 5.58 -15.39 -0.02
CA GLN A 25 6.24 -14.42 0.83
C GLN A 25 7.58 -14.19 0.16
N THR A 26 7.86 -12.94 -0.25
CA THR A 26 9.04 -12.65 -1.09
C THR A 26 9.95 -11.61 -0.44
N LYS A 27 11.18 -11.57 -0.96
CA LYS A 27 12.22 -10.64 -0.48
C LYS A 27 13.08 -10.22 -1.68
N GLU A 28 13.55 -8.99 -1.68
CA GLU A 28 14.45 -8.49 -2.74
C GLU A 28 15.88 -8.88 -2.42
N GLU A 29 16.50 -9.59 -3.37
CA GLU A 29 17.84 -10.12 -3.24
C GLU A 29 18.57 -10.16 -4.62
N ASP A 30 19.85 -9.75 -4.66
CA ASP A 30 20.63 -9.63 -5.92
C ASP A 30 19.85 -8.92 -7.04
N GLY A 31 19.15 -7.84 -6.70
CA GLY A 31 18.35 -7.09 -7.66
C GLY A 31 16.99 -7.64 -8.13
N LYS A 32 16.50 -8.73 -7.50
CA LYS A 32 15.18 -9.23 -7.91
C LYS A 32 14.45 -9.80 -6.70
N PHE A 33 13.17 -10.15 -6.90
CA PHE A 33 12.41 -10.83 -5.85
C PHE A 33 12.56 -12.33 -5.85
N VAL A 34 12.82 -12.90 -4.67
CA VAL A 34 12.90 -14.36 -4.48
C VAL A 34 12.00 -14.77 -3.31
N GLU A 35 11.71 -16.06 -3.15
CA GLU A 35 10.92 -16.51 -2.00
C GLU A 35 11.69 -16.33 -0.73
N ALA A 36 11.04 -15.80 0.30
CA ALA A 36 11.63 -15.65 1.61
C ALA A 36 11.58 -16.99 2.32
N ASN A 37 12.58 -17.26 3.14
CA ASN A 37 12.52 -18.48 3.91
C ASN A 37 11.76 -18.30 5.20
N ASN A 38 11.51 -19.40 5.89
CA ASN A 38 10.78 -19.35 7.14
C ASN A 38 11.33 -18.40 8.18
N ASN A 39 12.65 -18.39 8.40
CA ASN A 39 13.24 -17.49 9.37
C ASN A 39 13.04 -16.01 8.99
N GLU A 40 13.19 -15.75 7.73
CA GLU A 40 13.01 -14.38 7.18
C GLU A 40 11.60 -13.90 7.38
N ILE A 41 10.64 -14.80 7.13
CA ILE A 41 9.21 -14.44 7.34
C ILE A 41 9.00 -14.13 8.80
N ALA A 42 9.44 -15.01 9.70
CA ALA A 42 9.26 -14.78 11.10
C ALA A 42 9.90 -13.47 11.60
N LYS A 43 11.12 -13.19 11.13
CA LYS A 43 11.82 -11.99 11.55
C LYS A 43 11.03 -10.71 11.12
N ALA A 44 10.57 -10.78 9.88
CA ALA A 44 9.89 -9.65 9.21
C ALA A 44 8.59 -9.27 9.92
N MET A 45 7.88 -10.27 10.47
CA MET A 45 6.61 -10.02 11.13
C MET A 45 6.77 -9.73 12.62
N THR A 46 7.99 -9.82 13.16
CA THR A 46 8.21 -9.51 14.56
C THR A 46 7.93 -8.05 14.87
N ILE A 47 7.24 -7.81 15.96
CA ILE A 47 6.86 -6.46 16.33
C ILE A 47 8.06 -5.84 17.01
N SER A 48 8.46 -4.69 16.51
CA SER A 48 9.60 -4.00 17.06
C SER A 48 9.27 -2.52 17.15
N HIS A 49 9.04 -2.04 18.39
CA HIS A 49 8.72 -0.64 18.68
C HIS A 49 9.97 0.13 19.10
N ASP A 53 7.89 4.14 14.15
CA ASP A 53 6.67 3.36 14.31
C ASP A 53 5.56 3.73 13.31
N MET A 54 5.94 4.27 12.16
CA MET A 54 5.00 4.57 11.04
CA MET A 54 4.97 4.59 11.12
C MET A 54 4.20 3.34 10.63
N LYS A 55 4.80 2.13 10.70
CA LYS A 55 4.05 0.94 10.25
C LYS A 55 2.90 0.60 11.19
N TYR A 56 2.88 1.17 12.40
CA TYR A 56 1.88 0.87 13.40
C TYR A 56 0.92 2.01 13.61
N MET A 57 1.02 3.04 12.78
CA MET A 57 0.21 4.25 12.88
C MET A 57 -1.07 4.17 12.07
N ASP A 58 -2.19 4.59 12.63
CA ASP A 58 -3.46 4.57 11.97
C ASP A 58 -3.43 5.51 10.78
N ILE A 59 -3.59 4.96 9.57
CA ILE A 59 -3.59 5.73 8.30
C ILE A 59 -4.96 6.02 7.76
N THR A 60 -5.96 5.84 8.63
CA THR A 60 -7.32 6.19 8.31
C THR A 60 -7.61 7.57 8.78
N GLU A 61 -6.62 8.27 9.35
CA GLU A 61 -6.71 9.67 9.80
C GLU A 61 -5.93 10.53 8.82
N LYS A 62 -6.59 11.59 8.41
CA LYS A 62 -6.09 12.54 7.42
C LYS A 62 -5.02 13.42 7.96
N VAL A 63 -4.25 14.02 7.07
CA VAL A 63 -3.19 14.91 7.47
C VAL A 63 -3.36 16.28 6.79
N PRO A 64 -2.91 17.34 7.46
CA PRO A 64 -3.02 18.69 6.96
C PRO A 64 -1.94 19.01 5.97
N MET A 65 -2.19 18.62 4.73
CA MET A 65 -1.30 18.86 3.60
C MET A 65 -2.06 19.57 2.53
N SER A 66 -1.61 20.73 2.14
CA SER A 66 -2.21 21.45 1.03
C SER A 66 -1.83 20.87 -0.32
N GLU A 67 -2.54 21.26 -1.40
CA GLU A 67 -2.18 20.82 -2.76
CA GLU A 67 -2.15 20.74 -2.70
C GLU A 67 -0.73 21.16 -3.06
N SER A 68 -0.31 22.34 -2.67
CA SER A 68 1.07 22.76 -2.94
C SER A 68 2.08 21.85 -2.22
N GLU A 69 1.81 21.49 -0.98
CA GLU A 69 2.69 20.59 -0.24
C GLU A 69 2.71 19.20 -0.85
N VAL A 70 1.55 18.66 -1.24
CA VAL A 70 1.53 17.33 -1.86
C VAL A 70 2.28 17.37 -3.20
N ASN A 71 2.09 18.44 -3.97
CA ASN A 71 2.85 18.57 -5.23
C ASN A 71 4.32 18.69 -5.01
N GLN A 72 4.76 19.27 -3.90
CA GLN A 72 6.21 19.24 -3.57
C GLN A 72 6.70 17.84 -3.40
N LEU A 73 5.96 16.97 -2.72
CA LEU A 73 6.34 15.57 -2.60
C LEU A 73 6.40 14.89 -3.91
N LEU A 74 5.53 15.22 -4.86
CA LEU A 74 5.42 14.58 -6.12
C LEU A 74 6.34 15.13 -7.22
N LYS A 75 7.03 16.21 -6.93
CA LYS A 75 7.99 16.81 -7.90
C LYS A 75 9.06 15.78 -8.27
N GLY A 76 9.27 15.60 -9.56
CA GLY A 76 10.19 14.61 -10.05
C GLY A 76 9.75 13.20 -9.90
N LYS A 77 8.44 12.94 -9.72
CA LYS A 77 7.92 11.59 -9.60
C LYS A 77 7.12 11.12 -10.81
N GLY A 78 7.66 11.40 -12.01
CA GLY A 78 7.12 10.77 -13.17
C GLY A 78 5.66 11.05 -13.45
N ILE A 79 4.92 10.02 -13.72
CA ILE A 79 3.49 10.12 -13.99
C ILE A 79 2.70 10.69 -12.81
N LEU A 80 3.27 10.67 -11.62
CA LEU A 80 2.58 11.21 -10.44
C LEU A 80 2.81 12.68 -10.23
N GLU A 81 3.81 13.28 -10.87
CA GLU A 81 4.11 14.65 -10.72
C GLU A 81 2.91 15.53 -11.07
N ASN A 82 2.66 16.54 -10.22
CA ASN A 82 1.63 17.51 -10.42
C ASN A 82 0.26 16.89 -10.38
N ARG A 83 0.08 15.77 -9.66
CA ARG A 83 -1.25 15.17 -9.44
C ARG A 83 -1.69 15.30 -7.95
N GLY A 84 -1.10 16.26 -7.25
CA GLY A 84 -1.46 16.44 -5.84
C GLY A 84 -2.92 16.79 -5.60
N LYS A 85 -3.54 17.55 -6.51
CA LYS A 85 -4.97 17.86 -6.36
C LYS A 85 -5.79 16.62 -6.21
N VAL A 86 -5.47 15.60 -7.02
CA VAL A 86 -6.26 14.40 -7.04
C VAL A 86 -6.00 13.46 -5.84
N PHE A 87 -4.72 13.40 -5.44
CA PHE A 87 -4.42 12.70 -4.18
C PHE A 87 -5.22 13.28 -3.00
N LEU A 88 -5.39 14.61 -2.98
CA LEU A 88 -6.18 15.26 -1.93
C LEU A 88 -7.68 15.05 -2.09
N GLU A 89 -8.16 15.01 -3.33
CA GLU A 89 -9.56 14.59 -3.58
CA GLU A 89 -9.54 14.59 -3.58
C GLU A 89 -9.75 13.22 -2.93
N ALA A 90 -8.82 12.28 -3.17
CA ALA A 90 -8.95 10.95 -2.58
C ALA A 90 -8.91 10.98 -1.05
N GLN A 91 -7.97 11.74 -0.46
CA GLN A 91 -7.91 11.85 0.98
C GLN A 91 -9.25 12.26 1.55
N GLU A 92 -9.85 13.31 0.98
CA GLU A 92 -11.08 13.85 1.59
C GLU A 92 -12.28 12.99 1.27
N LYS A 93 -12.38 12.45 0.07
CA LYS A 93 -13.54 11.60 -0.23
C LYS A 93 -13.61 10.37 0.62
N TYR A 94 -12.45 9.73 0.84
CA TYR A 94 -12.41 8.39 1.42
C TYR A 94 -11.79 8.33 2.77
N GLU A 95 -11.32 9.45 3.34
CA GLU A 95 -10.68 9.48 4.64
C GLU A 95 -9.47 8.53 4.65
N VAL A 96 -8.50 8.89 3.82
CA VAL A 96 -7.27 8.11 3.66
C VAL A 96 -6.11 9.08 3.76
N ASN A 97 -5.20 8.82 4.68
CA ASN A 97 -3.99 9.67 4.92
C ASN A 97 -3.24 9.94 3.62
N VAL A 98 -3.11 11.20 3.21
CA VAL A 98 -2.57 11.45 1.87
C VAL A 98 -1.07 11.20 1.81
N ILE A 99 -0.38 11.35 2.94
CA ILE A 99 1.05 11.03 2.92
C ILE A 99 1.26 9.51 2.71
N TYR A 100 0.45 8.70 3.39
CA TYR A 100 0.44 7.28 3.14
C TYR A 100 0.13 7.02 1.69
N LEU A 101 -0.90 7.65 1.14
CA LEU A 101 -1.34 7.34 -0.20
C LEU A 101 -0.24 7.65 -1.23
N VAL A 102 0.40 8.79 -1.11
CA VAL A 102 1.50 9.18 -1.96
C VAL A 102 2.60 8.18 -1.80
N SER A 103 2.99 7.88 -0.54
CA SER A 103 4.11 6.97 -0.29
C SER A 103 3.88 5.60 -0.87
N HIS A 104 2.70 5.05 -0.71
CA HIS A 104 2.31 3.78 -1.29
C HIS A 104 2.46 3.86 -2.80
N ALA A 105 1.89 4.87 -3.43
CA ALA A 105 1.98 4.98 -4.91
C ALA A 105 3.40 5.06 -5.33
N LEU A 106 4.26 5.76 -4.62
CA LEU A 106 5.67 5.87 -5.02
C LEU A 106 6.35 4.51 -4.95
N VAL A 107 6.15 3.75 -3.90
CA VAL A 107 6.70 2.37 -3.82
C VAL A 107 6.17 1.53 -4.94
N ALA A 108 4.89 1.53 -5.20
CA ALA A 108 4.26 0.66 -6.17
C ALA A 108 4.59 1.02 -7.63
N THR A 109 5.00 2.23 -7.91
CA THR A 109 5.22 2.68 -9.28
C THR A 109 6.68 2.98 -9.56
N GLY A 110 7.58 2.71 -8.61
CA GLY A 110 8.95 3.06 -8.86
C GLY A 110 9.16 4.53 -8.94
N ASN A 111 8.68 5.26 -7.95
CA ASN A 111 8.77 6.72 -7.90
C ASN A 111 8.09 7.37 -9.08
N GLY A 112 7.03 6.77 -9.53
CA GLY A 112 6.25 7.24 -10.68
C GLY A 112 6.87 7.04 -12.03
N LYS A 113 7.99 6.31 -12.07
CA LYS A 113 8.82 6.27 -13.27
C LYS A 113 8.90 4.93 -13.90
N SER A 114 8.27 3.91 -13.37
CA SER A 114 8.37 2.58 -13.98
C SER A 114 7.61 2.50 -15.30
N GLU A 115 8.01 1.57 -16.17
CA GLU A 115 7.26 1.44 -17.41
C GLU A 115 5.82 0.99 -17.18
N LEU A 116 5.57 0.10 -16.23
CA LEU A 116 4.23 -0.33 -15.89
C LEU A 116 3.35 0.82 -15.37
N ALA A 117 3.96 1.77 -14.69
CA ALA A 117 3.18 2.92 -14.17
C ALA A 117 2.50 3.66 -15.35
N LYS A 118 3.03 3.56 -16.60
CA LYS A 118 2.39 4.13 -17.77
C LYS A 118 1.26 3.34 -18.39
N GLY A 119 0.88 2.21 -17.76
CA GLY A 119 -0.37 1.62 -18.06
C GLY A 119 -0.27 0.50 -19.07
N ILE A 120 -1.43 -0.09 -19.29
CA ILE A 120 -1.57 -1.27 -20.19
C ILE A 120 -2.66 -0.99 -21.18
N LYS A 121 -2.30 -1.09 -22.48
CA LYS A 121 -3.25 -0.79 -23.55
C LYS A 121 -4.25 -1.92 -23.72
N ASP A 122 -5.51 -1.57 -23.95
CA ASP A 122 -6.54 -2.54 -24.43
C ASP A 122 -7.55 -1.86 -25.34
N GLY A 123 -7.35 -2.05 -26.64
CA GLY A 123 -8.16 -1.33 -27.64
C GLY A 123 -7.90 0.18 -27.62
N LYS A 124 -8.95 0.98 -27.56
CA LYS A 124 -8.82 2.44 -27.60
C LYS A 124 -8.41 2.96 -26.21
N LYS A 125 -8.51 2.12 -25.19
CA LYS A 125 -8.24 2.57 -23.79
C LYS A 125 -6.89 2.08 -23.25
N ARG A 126 -6.46 2.74 -22.19
CA ARG A 126 -5.26 2.36 -21.43
CA ARG A 126 -5.27 2.36 -21.44
C ARG A 126 -5.68 2.35 -20.00
N TYR A 127 -5.23 1.31 -19.28
CA TYR A 127 -5.55 1.16 -17.84
C TYR A 127 -4.31 1.38 -17.02
N TYR A 128 -4.55 2.03 -15.84
CA TYR A 128 -3.48 2.44 -14.91
C TYR A 128 -3.77 1.82 -13.56
N ASN A 129 -2.67 1.60 -12.84
CA ASN A 129 -2.79 0.98 -11.48
C ASN A 129 -1.57 1.42 -10.70
N PHE A 130 -1.82 2.24 -9.65
CA PHE A 130 -0.74 2.82 -8.91
C PHE A 130 -0.54 2.26 -7.49
N PHE A 131 -1.30 1.20 -7.17
CA PHE A 131 -1.25 0.64 -5.82
C PHE A 131 -1.07 -0.87 -5.78
N GLY A 132 -0.63 -1.46 -6.87
CA GLY A 132 -0.44 -2.90 -6.87
C GLY A 132 -1.70 -3.67 -6.63
N ILE A 133 -2.84 -3.31 -7.18
CA ILE A 133 -4.11 -3.89 -6.91
C ILE A 133 -4.46 -4.92 -7.99
N GLY A 134 -4.54 -6.19 -7.58
CA GLY A 134 -4.99 -7.25 -8.49
C GLY A 134 -3.97 -7.55 -9.56
N ALA A 135 -4.44 -8.30 -10.58
CA ALA A 135 -3.61 -8.70 -11.67
C ALA A 135 -3.54 -7.54 -12.69
N PHE A 136 -2.32 -7.22 -13.01
CA PHE A 136 -2.02 -6.06 -13.88
C PHE A 136 -0.86 -6.34 -14.78
N ASP A 137 -1.22 -7.05 -15.86
CA ASP A 137 -0.32 -7.30 -16.98
C ASP A 137 -1.15 -7.44 -18.25
N SER A 138 -0.48 -7.52 -19.42
CA SER A 138 -1.24 -7.54 -20.68
C SER A 138 -2.23 -8.73 -20.76
N SER A 139 -1.82 -9.91 -20.31
CA SER A 139 -2.70 -11.07 -20.37
C SER A 139 -3.96 -10.84 -19.53
N ALA A 140 -3.82 -10.30 -18.31
CA ALA A 140 -4.99 -10.09 -17.46
C ALA A 140 -5.91 -9.01 -18.02
N VAL A 141 -5.29 -7.98 -18.60
CA VAL A 141 -6.08 -6.93 -19.22
C VAL A 141 -6.81 -7.47 -20.48
N ARG A 142 -6.10 -8.24 -21.31
CA ARG A 142 -6.74 -8.85 -22.51
C ARG A 142 -7.89 -9.80 -22.14
N SER A 143 -7.65 -10.70 -21.20
CA SER A 143 -8.65 -11.68 -20.79
C SER A 143 -9.81 -11.05 -20.01
N GLY A 144 -9.60 -9.83 -19.51
CA GLY A 144 -10.60 -9.11 -18.74
C GLY A 144 -10.54 -9.43 -17.26
N LYS A 145 -9.52 -10.17 -16.83
CA LYS A 145 -9.41 -10.59 -15.42
C LYS A 145 -8.43 -9.68 -14.66
N SER A 146 -8.62 -8.39 -14.87
CA SER A 146 -7.83 -7.32 -14.23
C SER A 146 -8.77 -6.38 -13.54
N TYR A 147 -8.52 -6.15 -12.23
CA TYR A 147 -9.27 -5.24 -11.44
C TYR A 147 -9.28 -3.80 -12.04
N ALA A 148 -8.12 -3.40 -12.52
CA ALA A 148 -7.97 -2.04 -13.07
C ALA A 148 -8.93 -1.86 -14.25
N GLU A 149 -9.06 -2.93 -15.04
CA GLU A 149 -9.99 -2.90 -16.20
C GLU A 149 -11.45 -2.97 -15.76
N LYS A 150 -11.75 -3.85 -14.82
CA LYS A 150 -13.07 -3.95 -14.24
C LYS A 150 -13.61 -2.64 -13.69
N GLU A 151 -12.74 -1.88 -13.02
CA GLU A 151 -13.14 -0.62 -12.41
C GLU A 151 -12.94 0.59 -13.35
N GLN A 152 -12.47 0.33 -14.55
CA GLN A 152 -12.30 1.30 -15.63
C GLN A 152 -11.39 2.42 -15.18
N TRP A 153 -10.24 2.03 -14.67
CA TRP A 153 -9.19 3.01 -14.33
C TRP A 153 -8.46 3.37 -15.60
N THR A 154 -9.12 4.19 -16.39
CA THR A 154 -8.68 4.58 -17.72
C THR A 154 -7.85 5.84 -17.81
N SER A 155 -7.47 6.42 -16.66
CA SER A 155 -6.60 7.54 -16.58
C SER A 155 -5.79 7.48 -15.27
N PRO A 156 -4.69 8.24 -15.19
CA PRO A 156 -3.94 8.32 -13.93
C PRO A 156 -4.85 8.84 -12.83
N ASP A 157 -5.66 9.86 -13.07
CA ASP A 157 -6.46 10.41 -11.99
C ASP A 157 -7.49 9.40 -11.52
N LYS A 158 -8.08 8.63 -12.42
CA LYS A 158 -9.04 7.60 -12.04
C LYS A 158 -8.33 6.46 -11.23
N ALA A 159 -7.07 6.17 -11.55
CA ALA A 159 -6.30 5.18 -10.76
C ALA A 159 -5.96 5.69 -9.38
N ILE A 160 -5.77 6.99 -9.22
CA ILE A 160 -5.49 7.55 -7.87
C ILE A 160 -6.75 7.45 -7.01
N ILE A 161 -7.87 7.97 -7.51
CA ILE A 161 -9.13 7.94 -6.77
C ILE A 161 -9.53 6.51 -6.52
N GLY A 162 -9.48 5.67 -7.55
CA GLY A 162 -9.95 4.31 -7.40
C GLY A 162 -9.08 3.48 -6.43
N GLY A 163 -7.77 3.70 -6.44
CA GLY A 163 -6.90 3.04 -5.53
C GLY A 163 -7.29 3.38 -4.11
N ALA A 164 -7.50 4.66 -3.80
CA ALA A 164 -7.95 5.07 -2.49
C ALA A 164 -9.24 4.43 -2.09
N LYS A 165 -10.20 4.44 -3.02
CA LYS A 165 -11.49 3.84 -2.75
C LYS A 165 -11.35 2.35 -2.36
N PHE A 166 -10.51 1.64 -3.12
CA PHE A 166 -10.23 0.22 -2.86
C PHE A 166 -9.61 0.05 -1.46
N ILE A 167 -8.57 0.85 -1.11
CA ILE A 167 -7.93 0.72 0.19
C ILE A 167 -8.90 0.95 1.30
N ARG A 168 -9.69 2.01 1.18
CA ARG A 168 -10.70 2.28 2.18
C ARG A 168 -11.71 1.13 2.30
N ASN A 169 -12.29 0.76 1.16
CA ASN A 169 -13.44 -0.20 1.21
C ASN A 169 -13.00 -1.58 1.52
N GLU A 170 -11.81 -2.00 1.08
CA GLU A 170 -11.42 -3.39 1.27
C GLU A 170 -10.48 -3.64 2.44
N TYR A 171 -9.67 -2.66 2.85
CA TYR A 171 -8.74 -2.78 3.95
C TYR A 171 -9.22 -2.01 5.16
N PHE A 172 -9.40 -0.68 5.04
CA PHE A 172 -9.72 0.08 6.23
C PHE A 172 -11.09 -0.36 6.85
N GLU A 173 -12.05 -0.65 6.00
CA GLU A 173 -13.37 -1.12 6.47
C GLU A 173 -13.31 -2.55 6.96
N ASN A 174 -12.20 -3.23 6.76
CA ASN A 174 -11.94 -4.60 7.26
C ASN A 174 -11.06 -4.57 8.51
N ASN A 175 -10.93 -3.42 9.18
CA ASN A 175 -10.12 -3.29 10.36
C ASN A 175 -8.62 -3.56 10.18
N GLN A 176 -8.15 -3.30 8.95
CA GLN A 176 -6.69 -3.29 8.68
C GLN A 176 -6.37 -1.80 8.47
N LEU A 177 -6.00 -1.16 9.56
CA LEU A 177 -5.95 0.29 9.69
C LEU A 177 -4.55 0.85 9.64
N ASN A 178 -3.56 0.01 9.68
CA ASN A 178 -2.16 0.42 9.59
C ASN A 178 -1.41 -0.50 8.69
N LEU A 179 -0.16 -0.12 8.33
CA LEU A 179 0.56 -0.91 7.39
C LEU A 179 0.80 -2.36 7.83
N TYR A 180 1.17 -2.48 9.10
CA TYR A 180 1.39 -3.82 9.69
C TYR A 180 0.16 -4.73 9.49
N GLN A 181 -1.00 -4.17 9.82
CA GLN A 181 -2.24 -4.95 9.67
C GLN A 181 -2.55 -5.26 8.23
N MET A 182 -2.31 -4.30 7.32
CA MET A 182 -2.53 -4.53 5.89
C MET A 182 -1.64 -5.66 5.40
N ARG A 183 -0.40 -5.72 5.90
CA ARG A 183 0.55 -6.68 5.43
C ARG A 183 0.41 -8.09 6.06
N TRP A 184 0.14 -8.13 7.37
CA TRP A 184 0.23 -9.35 8.13
C TRP A 184 -1.10 -9.77 8.76
N ASN A 185 -2.16 -9.01 8.57
CA ASN A 185 -3.50 -9.31 9.08
C ASN A 185 -3.51 -10.15 10.34
N PRO A 186 -2.99 -9.65 11.44
CA PRO A 186 -2.87 -10.46 12.64
C PRO A 186 -4.23 -10.93 13.16
N GLU A 187 -5.33 -10.30 12.87
CA GLU A 187 -6.65 -10.77 13.30
C GLU A 187 -6.97 -12.07 12.60
N ASN A 188 -6.51 -12.26 11.37
CA ASN A 188 -6.75 -13.46 10.54
C ASN A 188 -5.49 -13.74 9.70
N PRO A 189 -4.45 -14.28 10.34
CA PRO A 189 -3.15 -14.37 9.69
C PRO A 189 -3.16 -15.13 8.39
N ALA A 190 -2.42 -14.63 7.41
CA ALA A 190 -2.20 -15.24 6.13
C ALA A 190 -3.35 -15.12 5.16
N GLN A 191 -4.40 -14.38 5.48
CA GLN A 191 -5.48 -14.06 4.60
C GLN A 191 -5.46 -12.58 4.37
N HIS A 192 -5.97 -12.20 3.20
CA HIS A 192 -6.26 -10.81 2.88
C HIS A 192 -5.07 -9.91 3.20
N GLN A 193 -3.93 -10.24 2.67
CA GLN A 193 -2.69 -9.45 2.89
C GLN A 193 -2.35 -8.70 1.63
N TYR A 194 -1.86 -7.46 1.83
CA TYR A 194 -1.79 -6.55 0.68
C TYR A 194 -0.70 -6.91 -0.27
N ALA A 195 0.41 -7.47 0.24
CA ALA A 195 1.56 -7.70 -0.58
C ALA A 195 2.32 -8.93 -0.13
N SER A 196 3.11 -9.53 -1.05
CA SER A 196 4.01 -10.63 -0.66
C SER A 196 5.36 -10.19 -0.20
N ASP A 197 5.81 -9.00 -0.60
CA ASP A 197 7.10 -8.50 -0.17
C ASP A 197 7.11 -8.37 1.36
N ILE A 198 8.01 -9.08 2.03
CA ILE A 198 8.13 -9.05 3.49
C ILE A 198 8.54 -7.68 4.06
N ARG A 199 9.13 -6.83 3.17
CA ARG A 199 9.49 -5.45 3.55
C ARG A 199 8.60 -4.36 2.95
N TRP A 200 7.43 -4.76 2.42
CA TRP A 200 6.45 -3.81 1.89
C TRP A 200 6.15 -2.72 2.85
N ALA A 201 5.80 -3.02 4.10
CA ALA A 201 5.44 -1.97 5.06
C ALA A 201 6.61 -1.08 5.37
N ASP A 202 7.80 -1.67 5.49
CA ASP A 202 8.97 -0.83 5.81
C ASP A 202 9.25 0.16 4.71
N LYS A 203 9.11 -0.23 3.47
CA LYS A 203 9.40 0.67 2.35
C LYS A 203 8.43 1.86 2.37
N ILE A 204 7.16 1.62 2.57
CA ILE A 204 6.17 2.70 2.57
C ILE A 204 6.41 3.57 3.79
N ALA A 205 6.62 2.94 4.94
CA ALA A 205 6.84 3.68 6.22
C ALA A 205 8.06 4.62 6.14
N LYS A 206 9.11 4.19 5.45
CA LYS A 206 10.31 5.03 5.35
C LYS A 206 9.99 6.31 4.64
N LEU A 207 9.27 6.23 3.53
CA LEU A 207 8.87 7.42 2.81
C LEU A 207 7.92 8.27 3.61
N MET A 208 6.98 7.66 4.33
CA MET A 208 6.08 8.40 5.14
C MET A 208 6.82 9.19 6.20
N ASP A 209 7.78 8.55 6.84
CA ASP A 209 8.50 9.25 7.93
C ASP A 209 9.25 10.46 7.36
N LYS A 210 9.89 10.28 6.21
CA LYS A 210 10.57 11.44 5.62
CA LYS A 210 10.58 11.40 5.60
C LYS A 210 9.60 12.56 5.34
N SER A 211 8.42 12.26 4.81
CA SER A 211 7.48 13.32 4.48
C SER A 211 6.91 13.96 5.75
N TYR A 212 6.66 13.18 6.80
CA TYR A 212 6.20 13.74 8.07
C TYR A 212 7.26 14.75 8.59
N LYS A 213 8.52 14.36 8.55
CA LYS A 213 9.57 15.23 9.12
C LYS A 213 9.83 16.41 8.20
N GLN A 214 9.57 16.32 6.92
CA GLN A 214 9.74 17.41 5.99
C GLN A 214 8.72 18.49 6.29
N PHE A 215 7.48 18.15 6.62
CA PHE A 215 6.40 19.14 6.80
C PHE A 215 6.04 19.36 8.26
N GLY A 216 6.64 18.63 9.18
CA GLY A 216 6.35 18.82 10.60
C GLY A 216 4.99 18.29 10.98
N ILE A 217 4.62 17.16 10.41
CA ILE A 217 3.31 16.57 10.67
C ILE A 217 3.34 15.73 11.96
N LYS A 218 2.27 15.84 12.74
CA LYS A 218 2.13 15.02 13.94
C LYS A 218 1.55 13.64 13.64
N LYS A 219 2.13 12.62 14.23
CA LYS A 219 1.68 11.22 14.11
C LYS A 219 0.34 11.01 14.80
N ASP A 220 -0.52 10.16 14.21
CA ASP A 220 -1.79 9.76 14.81
C ASP A 220 -1.50 8.53 15.66
N ASP A 221 -2.55 7.82 16.03
CA ASP A 221 -2.47 6.81 17.03
C ASP A 221 -1.60 5.65 16.61
N ILE A 222 -0.76 5.18 17.50
CA ILE A 222 0.09 4.06 17.30
C ILE A 222 -0.45 2.88 18.09
N ARG A 223 -0.62 1.77 17.43
CA ARG A 223 -1.15 0.56 18.09
C ARG A 223 -0.02 -0.37 18.38
N GLN A 224 0.07 -0.81 19.63
CA GLN A 224 1.13 -1.68 20.09
C GLN A 224 0.93 -3.19 19.98
N THR A 225 -0.28 -3.64 20.23
CA THR A 225 -0.55 -5.03 20.54
C THR A 225 -1.44 -5.66 19.47
N TYR A 226 -0.96 -6.78 18.99
CA TYR A 226 -1.65 -7.55 17.92
C TYR A 226 -1.86 -8.99 18.22
N TYR A 227 -1.09 -9.58 19.15
CA TYR A 227 -1.06 -11.00 19.39
C TYR A 227 -1.30 -11.29 20.86
N LYS A 228 -1.78 -12.50 21.14
CA LYS A 228 -2.09 -12.87 22.52
C LYS A 228 -0.79 -12.92 23.32
C1 AMU B . -0.80 -9.14 -3.69
C2 AMU B . -2.29 -8.92 -3.79
C3 AMU B . -3.02 -9.88 -2.83
C4 AMU B . -2.56 -11.32 -3.14
C5 AMU B . -1.06 -11.38 -3.19
C6 AMU B . -0.56 -12.79 -3.53
C7 AMU B . -3.62 -6.82 -4.00
C8 AMU B . -3.89 -5.48 -3.36
C9 AMU B . -5.08 -9.10 -1.85
C10 AMU B . -6.27 -8.37 -2.33
C11 AMU B . -5.43 -10.12 -0.77
O1 AMU B . -0.11 -8.30 -4.60
O3 AMU B . -4.44 -9.76 -2.95
O4 AMU B . -3.13 -12.11 -2.08
O5 AMU B . -0.56 -10.47 -4.14
O6 AMU B . 0.86 -12.91 -3.39
O7 AMU B . -4.16 -7.15 -5.04
O10 AMU B . -6.69 -7.35 -1.70
O11 AMU B . -6.91 -8.85 -3.36
N2 AMU B . -2.67 -7.53 -3.42
C1 NAG B . -3.78 -13.29 -2.54
C2 NAG B . -4.15 -14.00 -1.23
C3 NAG B . -4.89 -15.30 -1.59
C4 NAG B . -6.02 -14.94 -2.49
C5 NAG B . -5.58 -14.13 -3.71
C6 NAG B . -6.80 -13.64 -4.43
C7 NAG B . -2.83 -13.65 0.87
C8 NAG B . -1.66 -14.09 1.65
N2 NAG B . -3.04 -14.27 -0.31
O3 NAG B . -5.41 -15.87 -0.39
O4 NAG B . -6.59 -16.15 -3.01
O5 NAG B . -4.93 -12.95 -3.27
O6 NAG B . -6.27 -13.05 -5.63
O7 NAG B . -3.60 -12.76 1.27
CL CL C . 14.10 12.85 14.11
CL CL D . -2.14 25.02 -1.83
CL CL E . 1.78 -8.02 20.04
CL CL F . 6.30 -5.26 8.72
CL CL G . -9.80 -10.91 6.73
CL CL H . 5.03 -24.35 0.20
CL CL I . -7.55 -8.81 -10.58
CL CL J . 10.72 -0.03 -15.34
CL CL K . -0.08 17.90 12.04
CL CL L . 1.73 -2.39 -3.46
CL CL M . -0.43 -16.17 -1.31
S SO4 N . 3.54 -7.71 -4.10
O1 SO4 N . 2.98 -6.33 -4.29
O2 SO4 N . 2.45 -8.61 -3.82
O3 SO4 N . 4.68 -7.67 -3.14
O4 SO4 N . 4.08 -8.18 -5.43
CL CL O . -5.70 11.84 -15.67
CL CL P . -3.05 -10.15 -7.40
CL CL Q . -7.16 -14.09 1.10
#